data_3T40
#
_entry.id   3T40
#
_cell.length_a   45.844
_cell.length_b   53.019
_cell.length_c   88.473
_cell.angle_alpha   90.000
_cell.angle_beta   90.000
_cell.angle_gamma   90.000
#
_symmetry.space_group_name_H-M   'P 21 21 21'
#
loop_
_entity.id
_entity.type
_entity.pdbx_description
1 polymer 'Indole-3-glycerol phosphate synthase'
2 non-polymer '2-[(carboxymethyl)amino]benzoic acid'
3 non-polymer 'SULFATE ION'
4 water water
#
_entity_poly.entity_id   1
_entity_poly.type   'polypeptide(L)'
_entity_poly.pdbx_seq_one_letter_code
;MSPATVLDSILEGVRADVAAREASVSLSEIKAAAAAAPPPLDVMAALREPGIGVIAEVKRASPSAGALATIADPAKLAQA
YQDGGARIVSVVTEQRRFQGSLDDLDAVRASVSIPVLRKDFVVQPYQIHEARAHGADMLLLIVAALEQSVLVSMLDRTES
LGMTALVEVHTEQEADRALKAGAKVIGVNARDLMTLDVDRDCFARIAPGLPSSVIRIAESGVRGTADLLAYAGAGADAVL
VGEGLVTSGDPRAAVADLVTAGTHPSCPKPAR
;
_entity_poly.pdbx_strand_id   A
#
# COMPACT_ATOMS: atom_id res chain seq x y z
N THR A 5 3.64 23.57 4.54
CA THR A 5 3.07 24.21 3.36
C THR A 5 3.63 23.58 2.08
N VAL A 6 4.81 22.98 2.19
CA VAL A 6 5.40 22.30 1.04
C VAL A 6 4.52 21.15 0.58
N LEU A 7 3.86 20.50 1.54
CA LEU A 7 2.97 19.40 1.22
C LEU A 7 1.77 19.93 0.44
N ASP A 8 1.33 21.14 0.77
CA ASP A 8 0.25 21.79 0.05
C ASP A 8 0.65 22.00 -1.40
N SER A 9 1.92 22.33 -1.61
CA SER A 9 2.46 22.55 -2.94
C SER A 9 2.46 21.24 -3.73
N ILE A 10 2.87 20.16 -3.07
CA ILE A 10 2.86 18.84 -3.71
C ILE A 10 1.42 18.44 -4.02
N LEU A 11 0.52 18.64 -3.06
CA LEU A 11 -0.88 18.29 -3.29
C LEU A 11 -1.55 19.12 -4.38
N GLU A 12 -1.12 20.37 -4.55
CA GLU A 12 -1.65 21.22 -5.62
C GLU A 12 -1.36 20.58 -6.98
N GLY A 13 -0.16 20.00 -7.12
CA GLY A 13 0.21 19.32 -8.36
C GLY A 13 -0.63 18.06 -8.56
N VAL A 14 -0.89 17.35 -7.48
CA VAL A 14 -1.75 16.18 -7.53
C VAL A 14 -3.16 16.58 -7.91
N ARG A 15 -3.66 17.64 -7.29
CA ARG A 15 -5.00 18.11 -7.61
C ARG A 15 -5.13 18.55 -9.07
N ALA A 16 -4.07 19.15 -9.62
CA ALA A 16 -4.05 19.53 -11.03
C ALA A 16 -4.08 18.30 -11.92
N ASP A 17 -3.27 17.29 -11.58
CA ASP A 17 -3.25 16.07 -12.39
C ASP A 17 -4.61 15.41 -12.38
N VAL A 18 -5.22 15.34 -11.20
CA VAL A 18 -6.54 14.73 -11.07
C VAL A 18 -7.58 15.51 -11.87
N ALA A 19 -7.58 16.83 -11.72
CA ALA A 19 -8.54 17.65 -12.45
C ALA A 19 -8.42 17.45 -13.96
N ALA A 20 -7.18 17.38 -14.45
CA ALA A 20 -6.99 17.21 -15.89
C ALA A 20 -7.51 15.84 -16.34
N ARG A 21 -7.31 14.81 -15.52
CA ARG A 21 -7.83 13.48 -15.85
C ARG A 21 -9.36 13.48 -15.85
N GLU A 22 -9.95 14.16 -14.87
CA GLU A 22 -11.41 14.24 -14.77
C GLU A 22 -12.03 14.98 -15.99
N ALA A 23 -11.25 15.85 -16.62
CA ALA A 23 -11.73 16.55 -17.80
C ALA A 23 -11.95 15.60 -18.97
N SER A 24 -11.19 14.51 -19.00
CA SER A 24 -11.26 13.52 -20.09
C SER A 24 -12.15 12.33 -19.73
N VAL A 25 -12.14 11.98 -18.46
CA VAL A 25 -12.92 10.86 -17.96
C VAL A 25 -13.75 11.41 -16.80
N SER A 26 -15.03 11.64 -17.06
CA SER A 26 -15.88 12.33 -16.11
C SER A 26 -16.10 11.51 -14.86
N LEU A 27 -16.62 12.15 -13.83
CA LEU A 27 -16.92 11.43 -12.62
C LEU A 27 -17.95 10.35 -12.92
N SER A 28 -18.94 10.65 -13.77
CA SER A 28 -19.95 9.66 -14.13
C SER A 28 -19.30 8.44 -14.81
N GLU A 29 -18.37 8.71 -15.72
CA GLU A 29 -17.67 7.66 -16.44
C GLU A 29 -16.74 6.82 -15.57
N ILE A 30 -16.05 7.45 -14.64
CA ILE A 30 -15.15 6.68 -13.79
C ILE A 30 -15.95 5.84 -12.78
N LYS A 31 -17.12 6.33 -12.39
CA LYS A 31 -17.99 5.53 -11.52
C LYS A 31 -18.50 4.31 -12.27
N ALA A 32 -18.86 4.50 -13.53
CA ALA A 32 -19.30 3.39 -14.37
C ALA A 32 -18.19 2.36 -14.56
N ALA A 33 -16.97 2.84 -14.76
CA ALA A 33 -15.82 1.95 -14.91
C ALA A 33 -15.52 1.19 -13.61
N ALA A 34 -15.69 1.87 -12.48
CA ALA A 34 -15.48 1.24 -11.18
C ALA A 34 -16.51 0.14 -10.93
N ALA A 35 -17.77 0.44 -11.20
CA ALA A 35 -18.85 -0.52 -11.01
C ALA A 35 -18.71 -1.71 -11.95
N ALA A 36 -18.11 -1.48 -13.11
CA ALA A 36 -17.97 -2.52 -14.12
C ALA A 36 -16.84 -3.49 -13.77
N ALA A 37 -15.86 -2.99 -13.02
CA ALA A 37 -14.69 -3.77 -12.67
C ALA A 37 -15.06 -5.01 -11.86
N PRO A 38 -14.24 -6.05 -11.95
CA PRO A 38 -14.45 -7.22 -11.09
C PRO A 38 -14.33 -6.76 -9.64
N PRO A 39 -15.16 -7.31 -8.73
CA PRO A 39 -15.19 -6.87 -7.34
C PRO A 39 -13.81 -6.90 -6.70
N PRO A 40 -13.61 -6.02 -5.71
CA PRO A 40 -12.30 -5.98 -5.04
C PRO A 40 -12.14 -7.24 -4.18
N LEU A 41 -10.90 -7.66 -3.99
CA LEU A 41 -10.61 -8.80 -3.15
C LEU A 41 -10.74 -8.40 -1.68
N ASP A 42 -10.96 -9.39 -0.83
CA ASP A 42 -11.07 -9.18 0.61
C ASP A 42 -9.69 -8.96 1.20
N VAL A 43 -9.24 -7.70 1.21
CA VAL A 43 -7.90 -7.37 1.66
C VAL A 43 -7.71 -7.69 3.14
N MET A 44 -8.74 -7.44 3.94
CA MET A 44 -8.65 -7.77 5.38
C MET A 44 -8.36 -9.24 5.60
N ALA A 45 -9.07 -10.10 4.88
CA ALA A 45 -8.82 -11.53 4.94
C ALA A 45 -7.37 -11.89 4.59
N ALA A 46 -6.83 -11.27 3.53
CA ALA A 46 -5.44 -11.51 3.18
C ALA A 46 -4.50 -11.07 4.32
N LEU A 47 -4.79 -9.92 4.93
CA LEU A 47 -3.92 -9.41 5.99
C LEU A 47 -4.01 -10.23 7.28
N ARG A 48 -5.07 -11.01 7.41
CA ARG A 48 -5.23 -11.84 8.61
C ARG A 48 -4.63 -13.24 8.46
N GLU A 49 -4.10 -13.55 7.28
CA GLU A 49 -3.47 -14.86 7.09
C GLU A 49 -2.26 -15.02 8.00
N PRO A 50 -1.97 -16.27 8.37
CA PRO A 50 -0.80 -16.58 9.22
C PRO A 50 0.51 -16.14 8.59
N GLY A 51 1.44 -15.69 9.41
CA GLY A 51 2.73 -15.24 8.92
C GLY A 51 2.72 -13.74 8.67
N ILE A 52 3.90 -13.16 8.60
CA ILE A 52 4.03 -11.74 8.31
C ILE A 52 3.84 -11.53 6.83
N GLY A 53 2.88 -10.69 6.46
CA GLY A 53 2.61 -10.43 5.06
C GLY A 53 3.66 -9.55 4.42
N VAL A 54 4.11 -9.93 3.22
CA VAL A 54 5.04 -9.09 2.49
C VAL A 54 4.30 -8.35 1.40
N ILE A 55 4.30 -7.03 1.49
CA ILE A 55 3.67 -6.17 0.50
C ILE A 55 4.80 -5.65 -0.36
N ALA A 56 4.92 -6.19 -1.58
CA ALA A 56 6.05 -5.90 -2.43
C ALA A 56 5.65 -4.81 -3.40
N GLU A 57 6.52 -3.81 -3.55
CA GLU A 57 6.15 -2.60 -4.29
C GLU A 57 6.75 -2.48 -5.69
N VAL A 58 5.90 -2.12 -6.64
CA VAL A 58 6.32 -1.79 -8.00
C VAL A 58 6.56 -0.29 -8.10
N LYS A 59 7.73 0.10 -8.59
CA LYS A 59 8.14 1.50 -8.64
C LYS A 59 8.95 1.82 -9.89
N ARG A 60 9.74 2.88 -9.81
CA ARG A 60 10.66 3.26 -10.89
C ARG A 60 11.70 4.26 -10.41
N THR A 70 13.05 2.71 -15.30
CA THR A 70 13.73 1.45 -15.00
C THR A 70 12.87 0.27 -15.41
N ILE A 71 11.70 0.15 -14.77
CA ILE A 71 10.79 -0.97 -14.98
C ILE A 71 10.01 -0.84 -16.28
N ALA A 72 10.42 -1.59 -17.30
CA ALA A 72 9.72 -1.56 -18.58
C ALA A 72 8.46 -2.41 -18.53
N ASP A 73 8.39 -3.33 -17.59
CA ASP A 73 7.30 -4.30 -17.52
C ASP A 73 6.85 -4.52 -16.08
N PRO A 74 6.05 -3.59 -15.55
CA PRO A 74 5.58 -3.74 -14.17
C PRO A 74 4.81 -5.03 -13.92
N ALA A 75 4.12 -5.55 -14.93
CA ALA A 75 3.38 -6.80 -14.76
C ALA A 75 4.31 -7.97 -14.47
N LYS A 76 5.41 -8.04 -15.21
CA LYS A 76 6.38 -9.10 -15.05
C LYS A 76 6.97 -9.03 -13.64
N LEU A 77 7.21 -7.83 -13.16
CA LEU A 77 7.75 -7.66 -11.81
C LEU A 77 6.74 -8.13 -10.78
N ALA A 78 5.48 -7.73 -10.97
CA ALA A 78 4.42 -8.15 -10.04
C ALA A 78 4.28 -9.68 -10.03
N GLN A 79 4.44 -10.31 -11.18
CA GLN A 79 4.36 -11.78 -11.24
C GLN A 79 5.46 -12.42 -10.41
N ALA A 80 6.66 -11.87 -10.49
CA ALA A 80 7.78 -12.38 -9.69
C ALA A 80 7.41 -12.25 -8.22
N TYR A 81 6.83 -11.11 -7.86
CA TYR A 81 6.41 -10.88 -6.47
C TYR A 81 5.43 -11.94 -6.01
N GLN A 82 4.41 -12.22 -6.82
CA GLN A 82 3.44 -13.26 -6.44
C GLN A 82 4.12 -14.63 -6.33
N ASP A 83 4.97 -14.96 -7.31
CA ASP A 83 5.70 -16.24 -7.30
C ASP A 83 6.52 -16.42 -6.03
N GLY A 84 7.03 -15.32 -5.50
CA GLY A 84 7.83 -15.35 -4.30
C GLY A 84 7.03 -15.42 -3.01
N GLY A 85 5.71 -15.28 -3.10
CA GLY A 85 4.87 -15.42 -1.92
C GLY A 85 4.35 -14.10 -1.35
N ALA A 86 4.54 -13.01 -2.10
CA ALA A 86 4.01 -11.73 -1.65
C ALA A 86 2.51 -11.84 -1.32
N ARG A 87 2.09 -11.13 -0.28
CA ARG A 87 0.69 -11.10 0.15
C ARG A 87 -0.13 -10.08 -0.67
N ILE A 88 0.49 -8.96 -0.99
CA ILE A 88 -0.15 -7.86 -1.73
C ILE A 88 0.91 -7.22 -2.61
N VAL A 89 0.52 -6.71 -3.79
CA VAL A 89 1.43 -5.92 -4.59
CA VAL A 89 1.44 -5.93 -4.58
C VAL A 89 1.05 -4.45 -4.51
N SER A 90 2.00 -3.61 -4.15
CA SER A 90 1.81 -2.17 -4.11
C SER A 90 2.26 -1.59 -5.43
N VAL A 91 1.43 -0.73 -6.05
CA VAL A 91 1.83 -0.10 -7.30
C VAL A 91 1.81 1.41 -7.14
N VAL A 92 2.96 2.04 -7.35
CA VAL A 92 3.03 3.49 -7.24
C VAL A 92 2.54 4.12 -8.54
N THR A 93 1.47 4.90 -8.45
CA THR A 93 0.86 5.48 -9.65
C THR A 93 1.19 6.96 -9.75
N GLU A 94 1.93 7.47 -8.78
CA GLU A 94 2.33 8.88 -8.77
C GLU A 94 3.31 9.12 -9.90
N GLN A 95 3.08 10.17 -10.69
CA GLN A 95 3.86 10.37 -11.91
C GLN A 95 5.12 11.22 -11.67
N ARG A 96 4.94 12.32 -10.95
CA ARG A 96 5.96 13.38 -10.91
C ARG A 96 7.31 12.99 -10.31
N ARG A 97 7.32 12.08 -9.35
CA ARG A 97 8.58 11.66 -8.73
C ARG A 97 8.96 10.22 -9.07
N PHE A 98 7.96 9.35 -9.13
CA PHE A 98 8.22 7.91 -9.30
C PHE A 98 7.92 7.39 -10.70
N GLN A 99 7.50 8.29 -11.59
CA GLN A 99 7.25 7.91 -12.98
C GLN A 99 6.26 6.75 -13.09
N GLY A 100 5.33 6.67 -12.15
CA GLY A 100 4.27 5.69 -12.20
C GLY A 100 3.07 6.21 -12.97
N SER A 101 2.09 5.34 -13.22
CA SER A 101 0.89 5.76 -13.91
C SER A 101 -0.21 4.74 -13.68
N LEU A 102 -1.44 5.13 -13.98
CA LEU A 102 -2.57 4.22 -13.83
C LEU A 102 -2.41 3.00 -14.72
N ASP A 103 -1.82 3.21 -15.89
CA ASP A 103 -1.50 2.10 -16.79
C ASP A 103 -0.80 0.95 -16.03
N ASP A 104 0.06 1.29 -15.07
CA ASP A 104 0.79 0.27 -14.31
C ASP A 104 -0.16 -0.58 -13.46
N LEU A 105 -1.20 0.08 -12.94
CA LEU A 105 -2.18 -0.59 -12.13
C LEU A 105 -2.95 -1.61 -12.96
N ASP A 106 -3.37 -1.22 -14.16
CA ASP A 106 -4.06 -2.15 -15.07
C ASP A 106 -3.17 -3.37 -15.34
N ALA A 107 -1.92 -3.09 -15.67
CA ALA A 107 -0.98 -4.14 -16.08
C ALA A 107 -0.81 -5.13 -14.93
N VAL A 108 -0.58 -4.60 -13.74
CA VAL A 108 -0.36 -5.44 -12.57
C VAL A 108 -1.61 -6.24 -12.23
N ARG A 109 -2.76 -5.58 -12.24
CA ARG A 109 -4.03 -6.25 -11.95
C ARG A 109 -4.24 -7.49 -12.85
N ALA A 110 -3.92 -7.38 -14.12
CA ALA A 110 -4.13 -8.52 -15.02
C ALA A 110 -3.12 -9.65 -14.79
N SER A 111 -2.02 -9.34 -14.11
CA SER A 111 -0.89 -10.26 -14.03
CA SER A 111 -0.92 -10.29 -14.04
C SER A 111 -0.90 -11.12 -12.77
N VAL A 112 -1.58 -10.65 -11.73
CA VAL A 112 -1.56 -11.35 -10.44
C VAL A 112 -2.97 -11.60 -9.91
N SER A 113 -3.09 -12.55 -8.99
CA SER A 113 -4.37 -12.88 -8.37
C SER A 113 -4.47 -12.33 -6.96
N ILE A 114 -3.35 -11.88 -6.39
CA ILE A 114 -3.33 -11.34 -5.04
C ILE A 114 -3.77 -9.87 -5.04
N PRO A 115 -4.12 -9.34 -3.87
CA PRO A 115 -4.62 -7.95 -3.87
C PRO A 115 -3.59 -6.95 -4.33
N VAL A 116 -4.10 -5.83 -4.87
CA VAL A 116 -3.25 -4.79 -5.40
C VAL A 116 -3.55 -3.49 -4.66
N LEU A 117 -2.49 -2.86 -4.16
CA LEU A 117 -2.60 -1.57 -3.46
C LEU A 117 -2.19 -0.45 -4.38
N ARG A 118 -3.06 0.56 -4.53
CA ARG A 118 -2.67 1.80 -5.20
C ARG A 118 -1.93 2.72 -4.25
N LYS A 119 -0.67 2.99 -4.56
CA LYS A 119 0.19 3.83 -3.74
C LYS A 119 0.37 5.17 -4.43
N ASP A 120 -0.28 6.18 -3.90
CA ASP A 120 -0.29 7.51 -4.50
CA ASP A 120 -0.10 7.54 -4.40
C ASP A 120 -0.75 8.51 -3.44
N PHE A 121 -0.78 9.79 -3.79
CA PHE A 121 -1.39 10.80 -2.93
C PHE A 121 -2.87 10.89 -3.26
N VAL A 122 -3.69 10.28 -2.42
CA VAL A 122 -5.12 10.22 -2.67
C VAL A 122 -5.82 11.25 -1.82
N VAL A 123 -6.33 12.30 -2.48
CA VAL A 123 -6.87 13.46 -1.75
C VAL A 123 -8.30 13.84 -2.11
N GLN A 124 -8.85 13.26 -3.17
CA GLN A 124 -10.26 13.53 -3.48
C GLN A 124 -10.99 12.31 -4.00
N PRO A 125 -12.33 12.31 -3.86
CA PRO A 125 -13.13 11.12 -4.12
C PRO A 125 -12.96 10.56 -5.52
N TYR A 126 -12.71 11.43 -6.50
CA TYR A 126 -12.50 10.95 -7.86
C TYR A 126 -11.45 9.84 -7.89
N GLN A 127 -10.37 10.04 -7.12
CA GLN A 127 -9.26 9.07 -7.16
C GLN A 127 -9.65 7.73 -6.55
N ILE A 128 -10.65 7.74 -5.69
CA ILE A 128 -11.12 6.48 -5.10
C ILE A 128 -11.84 5.66 -6.16
N HIS A 129 -12.78 6.27 -6.86
CA HIS A 129 -13.48 5.56 -7.93
C HIS A 129 -12.49 5.14 -9.01
N GLU A 130 -11.54 6.02 -9.28
CA GLU A 130 -10.50 5.77 -10.28
C GLU A 130 -9.65 4.56 -9.90
N ALA A 131 -9.24 4.49 -8.64
CA ALA A 131 -8.49 3.32 -8.16
C ALA A 131 -9.26 2.03 -8.41
N ARG A 132 -10.55 2.03 -8.08
CA ARG A 132 -11.39 0.85 -8.22
C ARG A 132 -11.56 0.48 -9.69
N ALA A 133 -11.78 1.49 -10.52
CA ALA A 133 -11.95 1.26 -11.96
C ALA A 133 -10.73 0.60 -12.56
N HIS A 134 -9.57 0.85 -11.95
CA HIS A 134 -8.31 0.30 -12.44
C HIS A 134 -7.88 -0.97 -11.72
N GLY A 135 -8.76 -1.52 -10.90
CA GLY A 135 -8.54 -2.83 -10.32
C GLY A 135 -7.89 -2.86 -8.94
N ALA A 136 -7.75 -1.71 -8.30
CA ALA A 136 -7.18 -1.73 -6.95
C ALA A 136 -8.12 -2.38 -5.93
N ASP A 137 -7.53 -3.08 -4.96
CA ASP A 137 -8.30 -3.66 -3.85
C ASP A 137 -8.06 -2.84 -2.58
N MET A 138 -6.93 -2.15 -2.56
CA MET A 138 -6.49 -1.38 -1.41
C MET A 138 -5.98 -0.04 -1.90
N LEU A 139 -6.13 0.98 -1.06
CA LEU A 139 -5.79 2.33 -1.44
C LEU A 139 -5.08 3.03 -0.27
N LEU A 140 -4.03 3.80 -0.56
CA LEU A 140 -3.32 4.52 0.50
C LEU A 140 -4.01 5.83 0.87
N LEU A 141 -4.25 6.04 2.17
CA LEU A 141 -4.68 7.34 2.68
C LEU A 141 -3.64 7.84 3.68
N ILE A 142 -3.15 9.06 3.48
CA ILE A 142 -2.06 9.60 4.29
C ILE A 142 -2.60 10.61 5.31
N VAL A 143 -2.56 10.26 6.59
CA VAL A 143 -3.13 11.14 7.60
C VAL A 143 -2.52 12.54 7.57
N ALA A 144 -1.21 12.65 7.35
CA ALA A 144 -0.54 13.94 7.34
C ALA A 144 -1.02 14.84 6.19
N ALA A 145 -1.61 14.22 5.17
CA ALA A 145 -2.07 14.98 4.00
C ALA A 145 -3.52 15.40 4.10
N LEU A 146 -4.25 14.79 5.02
CA LEU A 146 -5.69 14.90 5.03
C LEU A 146 -6.22 15.39 6.38
N GLU A 147 -6.91 16.53 6.35
CA GLU A 147 -7.58 17.00 7.55
C GLU A 147 -8.66 15.98 7.89
N GLN A 148 -9.06 15.92 9.16
CA GLN A 148 -9.90 14.82 9.62
C GLN A 148 -11.19 14.66 8.81
N SER A 149 -11.82 15.80 8.47
CA SER A 149 -13.06 15.77 7.70
C SER A 149 -12.88 15.02 6.38
N VAL A 150 -11.76 15.28 5.70
CA VAL A 150 -11.47 14.64 4.42
C VAL A 150 -11.04 13.19 4.58
N LEU A 151 -10.26 12.92 5.63
CA LEU A 151 -9.83 11.56 5.90
C LEU A 151 -11.03 10.65 6.10
N VAL A 152 -11.99 11.12 6.90
CA VAL A 152 -13.15 10.30 7.20
C VAL A 152 -13.99 10.06 5.96
N SER A 153 -14.23 11.13 5.20
CA SER A 153 -14.96 11.01 3.95
C SER A 153 -14.27 10.03 2.99
N MET A 154 -12.96 10.18 2.82
CA MET A 154 -12.21 9.30 1.92
C MET A 154 -12.22 7.84 2.39
N LEU A 155 -12.03 7.61 3.68
CA LEU A 155 -12.05 6.26 4.22
CA LEU A 155 -12.06 6.26 4.23
C LEU A 155 -13.42 5.61 3.99
N ASP A 156 -14.49 6.35 4.29
CA ASP A 156 -15.83 5.80 4.14
C ASP A 156 -16.11 5.45 2.67
N ARG A 157 -15.70 6.31 1.76
CA ARG A 157 -15.97 6.07 0.34
C ARG A 157 -15.17 4.85 -0.13
N THR A 158 -13.92 4.75 0.32
CA THR A 158 -13.07 3.62 -0.01
C THR A 158 -13.77 2.32 0.39
N GLU A 159 -14.27 2.28 1.63
CA GLU A 159 -14.91 1.08 2.14
C GLU A 159 -16.25 0.80 1.47
N SER A 160 -16.97 1.86 1.09
CA SER A 160 -18.25 1.71 0.39
C SER A 160 -18.10 1.00 -0.97
N LEU A 161 -16.90 1.05 -1.54
CA LEU A 161 -16.62 0.40 -2.83
C LEU A 161 -16.02 -0.99 -2.62
N GLY A 162 -15.89 -1.40 -1.36
CA GLY A 162 -15.37 -2.73 -1.06
C GLY A 162 -13.86 -2.77 -0.95
N MET A 163 -13.21 -1.61 -1.02
CA MET A 163 -11.76 -1.55 -0.87
C MET A 163 -11.33 -1.30 0.56
N THR A 164 -10.07 -1.59 0.84
CA THR A 164 -9.49 -1.39 2.16
C THR A 164 -8.52 -0.22 2.09
N ALA A 165 -8.57 0.65 3.09
CA ALA A 165 -7.63 1.75 3.14
C ALA A 165 -6.42 1.39 3.97
N LEU A 166 -5.24 1.62 3.42
CA LEU A 166 -4.01 1.55 4.22
C LEU A 166 -3.82 2.97 4.73
N VAL A 167 -4.13 3.18 6.00
CA VAL A 167 -4.08 4.51 6.57
C VAL A 167 -2.71 4.75 7.17
N GLU A 168 -1.94 5.61 6.51
CA GLU A 168 -0.54 5.84 6.85
C GLU A 168 -0.34 6.94 7.86
N VAL A 169 0.38 6.62 8.93
CA VAL A 169 0.65 7.57 10.00
C VAL A 169 2.15 7.68 10.24
N HIS A 170 2.55 8.79 10.85
CA HIS A 170 3.95 9.04 11.13
C HIS A 170 4.16 9.40 12.61
N THR A 171 3.06 9.66 13.33
CA THR A 171 3.12 10.01 14.74
C THR A 171 1.97 9.38 15.54
N GLU A 172 2.13 9.36 16.86
CA GLU A 172 1.08 8.85 17.73
C GLU A 172 -0.22 9.63 17.51
N GLN A 173 -0.11 10.95 17.38
CA GLN A 173 -1.29 11.78 17.16
C GLN A 173 -2.00 11.41 15.84
N GLU A 174 -1.23 11.16 14.79
CA GLU A 174 -1.84 10.76 13.52
C GLU A 174 -2.52 9.39 13.67
N ALA A 175 -1.94 8.52 14.49
CA ALA A 175 -2.52 7.22 14.77
C ALA A 175 -3.88 7.35 15.48
N ASP A 176 -3.95 8.27 16.45
CA ASP A 176 -5.20 8.53 17.13
C ASP A 176 -6.24 9.05 16.15
N ARG A 177 -5.83 9.97 15.29
CA ARG A 177 -6.70 10.47 14.25
C ARG A 177 -7.20 9.32 13.37
N ALA A 178 -6.29 8.44 12.98
CA ALA A 178 -6.66 7.32 12.11
C ALA A 178 -7.70 6.42 12.78
N LEU A 179 -7.49 6.11 14.05
CA LEU A 179 -8.40 5.27 14.82
C LEU A 179 -9.78 5.89 14.92
N LYS A 180 -9.81 7.18 15.22
CA LYS A 180 -11.07 7.93 15.33
C LYS A 180 -11.86 7.92 14.02
N ALA A 181 -11.15 7.95 12.89
CA ALA A 181 -11.78 7.95 11.57
C ALA A 181 -12.37 6.59 11.23
N GLY A 182 -11.96 5.57 11.98
CA GLY A 182 -12.47 4.22 11.77
C GLY A 182 -11.49 3.32 11.02
N ALA A 183 -10.20 3.69 10.99
CA ALA A 183 -9.20 2.88 10.31
C ALA A 183 -9.18 1.43 10.82
N LYS A 184 -9.03 0.48 9.89
CA LYS A 184 -8.89 -0.94 10.26
C LYS A 184 -7.47 -1.43 10.02
N VAL A 185 -6.75 -0.70 9.18
CA VAL A 185 -5.39 -1.02 8.82
C VAL A 185 -4.55 0.24 8.95
N ILE A 186 -3.53 0.19 9.81
CA ILE A 186 -2.71 1.37 10.01
C ILE A 186 -1.28 1.06 9.61
N GLY A 187 -0.71 1.88 8.74
CA GLY A 187 0.66 1.74 8.31
C GLY A 187 1.52 2.81 8.93
N VAL A 188 2.73 2.46 9.33
CA VAL A 188 3.64 3.43 9.92
C VAL A 188 4.76 3.75 8.95
N ASN A 189 4.83 5.01 8.52
CA ASN A 189 5.91 5.48 7.66
C ASN A 189 6.90 6.31 8.46
N ALA A 190 8.17 5.90 8.46
CA ALA A 190 9.19 6.56 9.27
C ALA A 190 9.65 7.88 8.66
N ARG A 191 9.34 8.10 7.38
CA ARG A 191 9.76 9.32 6.71
C ARG A 191 8.72 10.43 6.87
N ASP A 192 9.20 11.65 7.08
CA ASP A 192 8.33 12.80 7.30
C ASP A 192 7.90 13.45 5.99
N VAL A 198 14.06 10.94 8.91
CA VAL A 198 13.44 9.66 9.23
C VAL A 198 13.48 9.39 10.74
N ASP A 199 12.31 9.12 11.32
CA ASP A 199 12.23 8.70 12.71
C ASP A 199 12.44 7.20 12.77
N ARG A 200 13.66 6.81 13.14
CA ARG A 200 14.11 5.41 13.03
C ARG A 200 13.45 4.50 14.06
N ASP A 201 12.64 5.07 14.94
CA ASP A 201 11.98 4.27 15.97
C ASP A 201 10.48 4.49 15.94
N CYS A 202 9.99 4.86 14.76
CA CYS A 202 8.59 5.18 14.53
CA CYS A 202 8.59 5.20 14.56
C CYS A 202 7.62 4.07 14.91
N PHE A 203 7.83 2.90 14.32
CA PHE A 203 6.89 1.81 14.49
C PHE A 203 6.73 1.39 15.95
N ALA A 204 7.83 1.41 16.69
CA ALA A 204 7.82 1.00 18.11
C ALA A 204 7.15 2.05 19.00
N ARG A 205 7.25 3.31 18.58
CA ARG A 205 6.65 4.42 19.31
C ARG A 205 5.14 4.39 19.18
N ILE A 206 4.65 3.77 18.10
CA ILE A 206 3.24 3.81 17.72
C ILE A 206 2.47 2.50 17.85
N ALA A 207 3.08 1.40 17.42
CA ALA A 207 2.40 0.11 17.39
C ALA A 207 1.73 -0.32 18.69
N PRO A 208 2.43 -0.17 19.83
CA PRO A 208 1.86 -0.64 21.11
C PRO A 208 0.53 0.02 21.45
N GLY A 209 0.32 1.25 21.00
CA GLY A 209 -0.89 1.99 21.31
C GLY A 209 -2.11 1.61 20.50
N LEU A 210 -1.94 0.74 19.50
CA LEU A 210 -3.07 0.37 18.64
C LEU A 210 -3.90 -0.78 19.23
N PRO A 211 -5.23 -0.75 19.02
CA PRO A 211 -6.04 -1.88 19.46
C PRO A 211 -5.49 -3.14 18.81
N SER A 212 -5.59 -4.28 19.49
CA SER A 212 -5.02 -5.51 18.96
C SER A 212 -5.70 -5.89 17.64
N SER A 213 -6.96 -5.48 17.50
CA SER A 213 -7.79 -5.84 16.36
C SER A 213 -7.40 -5.11 15.07
N VAL A 214 -6.71 -3.99 15.21
CA VAL A 214 -6.26 -3.21 14.05
C VAL A 214 -5.00 -3.83 13.43
N ILE A 215 -4.98 -3.93 12.10
CA ILE A 215 -3.83 -4.48 11.38
C ILE A 215 -2.68 -3.47 11.35
N ARG A 216 -1.48 -3.92 11.70
CA ARG A 216 -0.32 -3.04 11.78
C ARG A 216 0.66 -3.31 10.64
N ILE A 217 1.01 -2.27 9.89
CA ILE A 217 1.94 -2.42 8.77
C ILE A 217 3.15 -1.51 8.94
N ALA A 218 4.35 -2.08 8.83
CA ALA A 218 5.56 -1.28 8.83
C ALA A 218 5.90 -0.98 7.38
N GLU A 219 5.87 0.30 7.02
CA GLU A 219 6.05 0.71 5.63
C GLU A 219 7.49 1.06 5.28
N SER A 220 8.35 1.16 6.29
CA SER A 220 9.69 1.71 6.08
C SER A 220 10.80 0.81 6.61
N GLY A 221 11.96 0.89 5.97
CA GLY A 221 13.19 0.38 6.54
C GLY A 221 13.37 -1.12 6.48
N VAL A 222 12.71 -1.78 5.52
CA VAL A 222 12.90 -3.22 5.37
C VAL A 222 13.94 -3.53 4.31
N ARG A 223 15.15 -3.90 4.76
CA ARG A 223 16.25 -4.18 3.84
C ARG A 223 16.43 -5.67 3.66
N GLY A 224 16.14 -6.44 4.69
CA GLY A 224 16.38 -7.87 4.65
C GLY A 224 15.56 -8.58 5.69
N THR A 225 15.85 -9.86 5.90
CA THR A 225 15.06 -10.66 6.82
C THR A 225 15.12 -10.13 8.24
N ALA A 226 16.29 -9.65 8.66
CA ALA A 226 16.44 -9.14 10.02
C ALA A 226 15.47 -7.99 10.32
N ASP A 227 15.33 -7.06 9.38
CA ASP A 227 14.40 -5.93 9.57
C ASP A 227 12.94 -6.41 9.64
N LEU A 228 12.56 -7.32 8.75
CA LEU A 228 11.20 -7.86 8.77
C LEU A 228 10.93 -8.51 10.12
N LEU A 229 11.87 -9.32 10.59
CA LEU A 229 11.70 -10.03 11.87
C LEU A 229 11.60 -9.03 13.02
N ALA A 230 12.39 -7.97 12.95
CA ALA A 230 12.34 -6.96 14.02
C ALA A 230 10.96 -6.31 14.09
N TYR A 231 10.38 -6.01 12.94
CA TYR A 231 9.02 -5.47 12.91
C TYR A 231 8.01 -6.51 13.39
N ALA A 232 8.21 -7.76 12.99
CA ALA A 232 7.34 -8.84 13.43
C ALA A 232 7.36 -8.98 14.97
N GLY A 233 8.55 -8.89 15.55
CA GLY A 233 8.71 -8.97 16.99
C GLY A 233 8.08 -7.79 17.72
N ALA A 234 7.90 -6.69 17.00
CA ALA A 234 7.27 -5.49 17.56
C ALA A 234 5.77 -5.42 17.27
N GLY A 235 5.23 -6.47 16.66
CA GLY A 235 3.80 -6.56 16.46
C GLY A 235 3.28 -6.30 15.05
N ALA A 236 4.17 -6.15 14.07
CA ALA A 236 3.70 -5.92 12.70
C ALA A 236 2.99 -7.15 12.14
N ASP A 237 1.93 -6.91 11.37
CA ASP A 237 1.21 -7.97 10.70
C ASP A 237 1.70 -8.12 9.26
N ALA A 238 2.28 -7.05 8.73
CA ALA A 238 2.79 -7.04 7.37
C ALA A 238 3.86 -5.95 7.24
N VAL A 239 4.71 -6.06 6.23
CA VAL A 239 5.69 -5.04 5.96
C VAL A 239 5.64 -4.69 4.48
N LEU A 240 5.93 -3.44 4.17
CA LEU A 240 6.05 -3.02 2.78
C LEU A 240 7.52 -2.96 2.39
N VAL A 241 7.86 -3.56 1.25
CA VAL A 241 9.24 -3.60 0.80
C VAL A 241 9.24 -3.17 -0.67
N GLY A 242 10.18 -2.30 -1.05
CA GLY A 242 10.26 -1.81 -2.42
C GLY A 242 11.52 -2.30 -3.09
N GLU A 243 12.60 -1.55 -2.92
CA GLU A 243 13.92 -2.07 -3.23
C GLU A 243 14.57 -2.45 -1.90
N GLY A 244 15.65 -3.23 -1.95
CA GLY A 244 16.26 -3.67 -3.19
C GLY A 244 15.80 -5.04 -3.67
N LEU A 245 14.50 -5.23 -3.77
CA LEU A 245 13.96 -6.44 -4.41
C LEU A 245 14.40 -6.44 -5.87
N VAL A 246 14.15 -5.31 -6.52
CA VAL A 246 14.55 -5.07 -7.90
C VAL A 246 16.06 -5.18 -8.08
N THR A 247 16.79 -4.32 -7.37
CA THR A 247 18.25 -4.26 -7.43
C THR A 247 18.88 -5.63 -7.24
N SER A 248 18.25 -6.47 -6.42
CA SER A 248 18.81 -7.78 -6.15
C SER A 248 19.05 -8.51 -7.46
N GLY A 249 18.27 -8.17 -8.49
CA GLY A 249 18.32 -8.84 -9.78
C GLY A 249 17.44 -10.08 -9.82
N ASP A 250 16.82 -10.40 -8.70
CA ASP A 250 16.06 -11.64 -8.58
C ASP A 250 14.91 -11.39 -7.60
N PRO A 251 13.92 -10.58 -8.02
CA PRO A 251 12.84 -10.18 -7.11
C PRO A 251 12.04 -11.36 -6.56
N ARG A 252 11.84 -12.42 -7.33
CA ARG A 252 11.11 -13.56 -6.82
CA ARG A 252 11.11 -13.56 -6.82
C ARG A 252 11.85 -14.17 -5.63
N ALA A 253 13.14 -14.39 -5.80
CA ALA A 253 13.92 -15.02 -4.72
C ALA A 253 14.00 -14.09 -3.52
N ALA A 254 14.16 -12.79 -3.78
CA ALA A 254 14.26 -11.81 -2.71
C ALA A 254 12.98 -11.76 -1.88
N VAL A 255 11.84 -11.78 -2.57
CA VAL A 255 10.58 -11.85 -1.88
C VAL A 255 10.43 -13.17 -1.13
N ALA A 256 10.78 -14.28 -1.77
CA ALA A 256 10.71 -15.58 -1.12
C ALA A 256 11.50 -15.61 0.18
N ASP A 257 12.68 -14.99 0.19
CA ASP A 257 13.51 -14.97 1.39
C ASP A 257 12.82 -14.23 2.53
N LEU A 258 12.18 -13.12 2.21
CA LEU A 258 11.46 -12.34 3.22
C LEU A 258 10.21 -13.06 3.69
N VAL A 259 9.49 -13.67 2.75
CA VAL A 259 8.27 -14.40 3.09
C VAL A 259 8.53 -15.52 4.08
N THR A 260 9.71 -16.13 3.97
CA THR A 260 10.10 -17.25 4.82
C THR A 260 11.06 -16.81 5.92
N ALA A 261 11.13 -15.51 6.18
CA ALA A 261 12.05 -14.97 7.18
C ALA A 261 11.87 -15.65 8.54
N GLY A 262 12.99 -16.03 9.14
CA GLY A 262 12.96 -16.59 10.48
C GLY A 262 12.89 -18.11 10.45
N THR A 263 12.69 -18.67 9.26
CA THR A 263 12.65 -20.13 9.13
C THR A 263 13.98 -20.66 8.59
N HIS A 264 14.94 -19.76 8.39
CA HIS A 264 16.30 -20.16 8.01
C HIS A 264 17.31 -19.61 9.01
N PRO A 265 18.36 -20.38 9.31
CA PRO A 265 18.56 -21.72 8.74
C PRO A 265 17.52 -22.71 9.26
N SER A 266 17.16 -23.68 8.44
CA SER A 266 16.20 -24.71 8.82
C SER A 266 16.74 -25.64 9.90
N CYS A 267 15.88 -26.06 10.82
CA CYS A 267 16.26 -27.06 11.82
CA CYS A 267 16.27 -27.05 11.82
C CYS A 267 16.58 -28.37 11.11
N PRO A 268 17.57 -29.10 11.62
CA PRO A 268 17.97 -30.40 11.07
C PRO A 268 16.78 -31.34 10.95
N LYS A 269 16.70 -32.10 9.87
CA LYS A 269 15.59 -33.03 9.66
C LYS A 269 16.09 -34.48 9.74
#